data_7JQH
#
_entry.id   7JQH
#
_cell.length_a   158.768
_cell.length_b   158.768
_cell.length_c   97.699
_cell.angle_alpha   90.000
_cell.angle_beta   90.000
_cell.angle_gamma   120.000
#
_symmetry.space_group_name_H-M   'P 65 2 2'
#
loop_
_entity.id
_entity.type
_entity.pdbx_description
1 polymer 'Glyoxylate/hydroxypyruvate reductase A'
2 non-polymer GLYCEROL
3 non-polymer 'NADP NICOTINAMIDE-ADENINE-DINUCLEOTIDE PHOSPHATE'
4 non-polymer 'PHOSPHATE ION'
5 water water
#
_entity_poly.entity_id   1
_entity_poly.type   'polypeptide(L)'
_entity_poly.pdbx_seq_one_letter_code
;HHHHHHENLYFQGMDIIFYHPTFDTQWWIEALRKAIPQARVRAWKSGDNDSADYALVWHPPVEMLAGRDLKAVFALGAGV
DSILSKLQAHPEMLNPSVPLFRLEDTGMGEQMQEYAVSQVLHWFRRFDDYRIQQNSSHWQPLPEYHREDFTIGILGAGVL
GSKVAQSLQTWRFPLRCWSRTRKSWPGVQSFAGREELSAFLSQCRVLINLLPNTPETVGIINQQLLEKLPDGAYLLNLAR
GVHVVEDDLLAALDSGKVKGAMLDVFNREPLPPESPLWQHPRVTITPHVAAITRPAEAVEYISRTIAQLEKGEKVCGQVD
RARGY
;
_entity_poly.pdbx_strand_id   A
#
loop_
_chem_comp.id
_chem_comp.type
_chem_comp.name
_chem_comp.formula
GOL non-polymer GLYCEROL 'C3 H8 O3'
NAP non-polymer 'NADP NICOTINAMIDE-ADENINE-DINUCLEOTIDE PHOSPHATE' 'C21 H28 N7 O17 P3'
PO4 non-polymer 'PHOSPHATE ION' 'O4 P -3'
#
# COMPACT_ATOMS: atom_id res chain seq x y z
N GLY A 13 -5.13 -8.45 -32.81
CA GLY A 13 -4.35 -7.19 -33.01
C GLY A 13 -4.77 -6.03 -32.10
N MET A 14 -3.79 -5.35 -31.48
CA MET A 14 -4.08 -4.22 -30.62
C MET A 14 -2.88 -3.28 -30.56
N ASP A 15 -3.16 -2.03 -30.25
CA ASP A 15 -2.15 -1.02 -29.98
C ASP A 15 -2.10 -0.69 -28.50
N ILE A 16 -0.90 -0.74 -27.92
CA ILE A 16 -0.67 -0.37 -26.52
C ILE A 16 0.31 0.80 -26.45
N ILE A 17 -0.05 1.84 -25.69
CA ILE A 17 0.88 2.93 -25.39
C ILE A 17 1.35 2.79 -23.94
N PHE A 18 2.64 3.05 -23.72
CA PHE A 18 3.32 2.87 -22.44
C PHE A 18 3.96 4.18 -21.98
N TYR A 19 3.77 4.51 -20.71
CA TYR A 19 4.43 5.66 -20.13
C TYR A 19 4.78 5.43 -18.67
N HIS A 20 6.05 5.64 -18.32
CA HIS A 20 6.48 5.65 -16.93
C HIS A 20 7.63 6.66 -16.79
N PRO A 21 7.65 7.49 -15.74
CA PRO A 21 8.67 8.57 -15.69
C PRO A 21 10.09 8.08 -15.48
N THR A 22 10.28 6.88 -14.94
CA THR A 22 11.62 6.44 -14.53
C THR A 22 11.93 5.01 -14.89
N PHE A 23 10.95 4.15 -15.14
CA PHE A 23 11.26 2.75 -15.42
C PHE A 23 11.99 2.64 -16.78
N ASP A 24 12.50 1.44 -17.05
CA ASP A 24 13.24 1.12 -18.27
C ASP A 24 12.25 0.88 -19.40
N THR A 25 11.91 1.95 -20.13
CA THR A 25 10.83 1.87 -21.10
C THR A 25 11.09 0.81 -22.16
N GLN A 26 12.32 0.73 -22.67
CA GLN A 26 12.62 -0.25 -23.71
C GLN A 26 12.45 -1.67 -23.21
N TRP A 27 12.86 -1.95 -21.98
CA TRP A 27 12.64 -3.28 -21.45
C TRP A 27 11.15 -3.63 -21.44
N TRP A 28 10.32 -2.69 -20.96
CA TRP A 28 8.89 -2.95 -20.86
C TRP A 28 8.29 -3.19 -22.25
N ILE A 29 8.67 -2.36 -23.21
CA ILE A 29 8.14 -2.55 -24.56
C ILE A 29 8.43 -3.95 -25.08
N GLU A 30 9.67 -4.42 -24.90
CA GLU A 30 10.04 -5.74 -25.40
C GLU A 30 9.33 -6.85 -24.63
N ALA A 31 9.22 -6.69 -23.32
CA ALA A 31 8.53 -7.72 -22.56
C ALA A 31 7.04 -7.80 -22.95
N LEU A 32 6.38 -6.66 -23.11
CA LEU A 32 4.96 -6.68 -23.49
C LEU A 32 4.78 -7.33 -24.87
N ARG A 33 5.68 -7.04 -25.83
CA ARG A 33 5.56 -7.61 -27.15
C ARG A 33 5.65 -9.13 -27.11
N LYS A 34 6.52 -9.66 -26.24
CA LYS A 34 6.64 -11.12 -26.16
C LYS A 34 5.43 -11.71 -25.45
N ALA A 35 4.90 -11.00 -24.45
CA ALA A 35 3.79 -11.58 -23.70
C ALA A 35 2.49 -11.49 -24.48
N ILE A 36 2.39 -10.52 -25.39
CA ILE A 36 1.19 -10.28 -26.19
C ILE A 36 1.65 -10.13 -27.65
N PRO A 37 1.92 -11.23 -28.35
CA PRO A 37 2.69 -11.12 -29.62
C PRO A 37 1.91 -10.47 -30.75
N GLN A 38 0.59 -10.40 -30.66
CA GLN A 38 -0.22 -9.62 -31.60
C GLN A 38 -0.24 -8.12 -31.29
N ALA A 39 0.34 -7.69 -30.19
CA ALA A 39 0.27 -6.28 -29.83
C ALA A 39 1.37 -5.47 -30.51
N ARG A 40 1.02 -4.29 -30.95
CA ARG A 40 1.96 -3.26 -31.32
C ARG A 40 2.10 -2.33 -30.12
N VAL A 41 3.32 -2.25 -29.57
CA VAL A 41 3.59 -1.50 -28.34
C VAL A 41 4.52 -0.35 -28.62
N ARG A 42 4.22 0.82 -28.06
CA ARG A 42 5.06 1.98 -28.26
C ARG A 42 5.10 2.87 -27.02
N ALA A 43 6.27 3.48 -26.82
CA ALA A 43 6.41 4.50 -25.79
C ALA A 43 5.67 5.74 -26.22
N TRP A 44 4.96 6.35 -25.30
CA TRP A 44 4.22 7.55 -25.60
C TRP A 44 5.10 8.78 -25.41
N LYS A 45 5.06 9.67 -26.38
CA LYS A 45 5.77 10.94 -26.35
C LYS A 45 4.75 12.03 -26.65
N SER A 46 5.04 13.23 -26.18
CA SER A 46 4.18 14.36 -26.45
C SER A 46 3.97 14.48 -27.95
N GLY A 47 2.73 14.81 -28.35
CA GLY A 47 2.36 14.87 -29.75
C GLY A 47 1.79 13.60 -30.36
N ASP A 48 1.93 12.46 -29.69
CA ASP A 48 1.45 11.19 -30.22
C ASP A 48 -0.05 11.11 -30.01
N ASN A 49 -0.83 11.40 -31.06
CA ASN A 49 -2.28 11.24 -31.00
C ASN A 49 -2.78 10.12 -31.89
N ASP A 50 -1.93 9.18 -32.26
CA ASP A 50 -2.36 7.99 -32.98
C ASP A 50 -3.19 7.08 -32.08
N SER A 51 -3.85 6.10 -32.71
CA SER A 51 -4.80 5.23 -32.03
C SER A 51 -4.11 4.30 -31.05
N ALA A 52 -4.85 3.96 -30.00
CA ALA A 52 -4.41 3.03 -28.98
C ALA A 52 -5.62 2.36 -28.37
N ASP A 53 -5.50 1.08 -28.07
CA ASP A 53 -6.51 0.29 -27.38
C ASP A 53 -6.32 0.25 -25.86
N TYR A 54 -5.06 0.11 -25.41
CA TYR A 54 -4.73 0.02 -23.98
C TYR A 54 -3.60 1.00 -23.66
N ALA A 55 -3.63 1.59 -22.46
CA ALA A 55 -2.55 2.44 -21.98
C ALA A 55 -2.04 1.92 -20.64
N LEU A 56 -0.73 1.78 -20.53
CA LEU A 56 -0.08 1.39 -19.29
C LEU A 56 0.66 2.61 -18.78
N VAL A 57 0.32 3.08 -17.58
CA VAL A 57 0.76 4.41 -17.18
C VAL A 57 1.14 4.53 -15.72
N TRP A 58 2.00 5.54 -15.45
CA TRP A 58 2.33 5.99 -14.09
C TRP A 58 2.65 7.47 -14.23
N HIS A 59 1.95 8.31 -13.45
CA HIS A 59 1.98 9.75 -13.61
C HIS A 59 1.85 10.16 -15.07
N PRO A 60 0.82 9.72 -15.77
CA PRO A 60 0.70 10.10 -17.18
C PRO A 60 0.47 11.60 -17.32
N PRO A 61 1.08 12.23 -18.33
CA PRO A 61 0.62 13.56 -18.74
C PRO A 61 -0.85 13.53 -19.14
N VAL A 62 -1.56 14.62 -18.83
CA VAL A 62 -2.97 14.74 -19.18
C VAL A 62 -3.19 14.47 -20.66
N GLU A 63 -2.30 15.01 -21.49
CA GLU A 63 -2.42 14.89 -22.94
C GLU A 63 -2.41 13.44 -23.40
N MET A 64 -1.74 12.56 -22.66
CA MET A 64 -1.63 11.19 -23.13
C MET A 64 -3.00 10.51 -23.19
N LEU A 65 -3.89 10.81 -22.23
CA LEU A 65 -5.16 10.11 -22.06
C LEU A 65 -6.36 10.93 -22.48
N ALA A 66 -6.25 12.26 -22.44
CA ALA A 66 -7.40 13.12 -22.69
C ALA A 66 -8.03 12.82 -24.06
N GLY A 67 -9.35 12.66 -24.07
CA GLY A 67 -10.08 12.40 -25.29
C GLY A 67 -10.01 11.01 -25.86
N ARG A 68 -9.26 10.09 -25.26
CA ARG A 68 -9.07 8.77 -25.81
C ARG A 68 -10.19 7.83 -25.32
N ASP A 69 -10.80 7.12 -26.24
CA ASP A 69 -11.78 6.07 -25.93
C ASP A 69 -11.05 4.74 -25.82
N LEU A 70 -10.22 4.66 -24.80
CA LEU A 70 -9.42 3.46 -24.58
C LEU A 70 -10.29 2.29 -24.07
N LYS A 71 -9.85 1.07 -24.41
CA LYS A 71 -10.50 -0.10 -23.84
C LYS A 71 -10.14 -0.34 -22.39
N ALA A 72 -8.94 0.07 -21.97
CA ALA A 72 -8.61 0.07 -20.55
C ALA A 72 -7.33 0.86 -20.31
N VAL A 73 -7.19 1.37 -19.10
CA VAL A 73 -5.93 1.93 -18.61
C VAL A 73 -5.44 1.12 -17.44
N PHE A 74 -4.16 0.74 -17.45
CA PHE A 74 -3.53 0.02 -16.35
C PHE A 74 -2.56 0.95 -15.63
N ALA A 75 -2.85 1.27 -14.37
CA ALA A 75 -1.91 2.03 -13.55
C ALA A 75 -0.84 1.10 -12.99
N LEU A 76 0.42 1.50 -13.12
CA LEU A 76 1.55 0.62 -12.80
C LEU A 76 1.93 0.75 -11.32
N GLY A 77 0.94 0.54 -10.47
CA GLY A 77 1.15 0.47 -9.02
C GLY A 77 -0.09 -0.14 -8.40
N ALA A 78 0.03 -0.45 -7.12
CA ALA A 78 -1.15 -0.89 -6.38
C ALA A 78 -2.06 0.26 -6.00
N GLY A 79 -1.46 1.40 -5.63
CA GLY A 79 -2.21 2.58 -5.26
C GLY A 79 -2.46 3.48 -6.46
N VAL A 80 -3.63 4.09 -6.48
CA VAL A 80 -4.08 4.90 -7.60
C VAL A 80 -4.46 6.31 -7.16
N ASP A 81 -4.07 6.71 -5.94
CA ASP A 81 -4.43 8.04 -5.48
C ASP A 81 -3.84 9.13 -6.37
N SER A 82 -2.65 8.89 -6.95
CA SER A 82 -2.01 9.88 -7.81
C SER A 82 -2.83 10.11 -9.08
N ILE A 83 -3.29 9.05 -9.73
CA ILE A 83 -4.09 9.22 -10.93
C ILE A 83 -5.48 9.77 -10.61
N LEU A 84 -6.11 9.30 -9.52
CA LEU A 84 -7.45 9.79 -9.20
C LEU A 84 -7.44 11.25 -8.79
N SER A 85 -6.43 11.67 -8.04
CA SER A 85 -6.23 13.10 -7.76
C SER A 85 -6.05 13.92 -9.05
N LYS A 86 -5.25 13.43 -10.00
CA LYS A 86 -5.07 14.13 -11.27
C LYS A 86 -6.39 14.23 -12.01
N LEU A 87 -7.17 13.14 -12.00
CA LEU A 87 -8.44 13.14 -12.70
C LEU A 87 -9.42 14.12 -12.09
N GLN A 88 -9.38 14.29 -10.76
CA GLN A 88 -10.26 15.26 -10.15
C GLN A 88 -9.89 16.69 -10.55
N ALA A 89 -8.61 16.96 -10.73
CA ALA A 89 -8.17 18.27 -11.18
C ALA A 89 -8.36 18.49 -12.67
N HIS A 90 -8.38 17.40 -13.46
CA HIS A 90 -8.46 17.48 -14.91
C HIS A 90 -9.52 16.49 -15.38
N PRO A 91 -10.80 16.82 -15.20
CA PRO A 91 -11.86 15.85 -15.51
C PRO A 91 -11.86 15.39 -16.94
N GLU A 92 -11.22 16.13 -17.84
CA GLU A 92 -11.13 15.74 -19.24
C GLU A 92 -10.12 14.61 -19.47
N MET A 93 -9.36 14.24 -18.45
CA MET A 93 -8.21 13.38 -18.68
C MET A 93 -8.62 11.96 -19.04
N LEU A 94 -9.60 11.41 -18.34
CA LEU A 94 -10.03 10.03 -18.60
C LEU A 94 -11.53 10.01 -18.78
N ASN A 95 -11.97 9.63 -19.97
CA ASN A 95 -13.38 9.54 -20.25
C ASN A 95 -14.05 8.55 -19.29
N PRO A 96 -15.29 8.82 -18.87
CA PRO A 96 -15.96 7.86 -17.97
C PRO A 96 -16.12 6.47 -18.57
N SER A 97 -16.08 6.31 -19.88
CA SER A 97 -16.20 4.99 -20.46
C SER A 97 -14.97 4.11 -20.26
N VAL A 98 -13.84 4.65 -19.83
CA VAL A 98 -12.58 3.93 -19.83
C VAL A 98 -12.43 3.24 -18.48
N PRO A 99 -12.35 1.92 -18.43
CA PRO A 99 -12.09 1.25 -17.15
C PRO A 99 -10.64 1.40 -16.72
N LEU A 100 -10.45 1.58 -15.42
CA LEU A 100 -9.13 1.78 -14.81
C LEU A 100 -8.79 0.58 -13.94
N PHE A 101 -7.62 0.01 -14.18
CA PHE A 101 -7.09 -1.11 -13.40
C PHE A 101 -5.81 -0.70 -12.68
N ARG A 102 -5.54 -1.37 -11.57
CA ARG A 102 -4.32 -1.23 -10.80
C ARG A 102 -3.62 -2.58 -10.79
N LEU A 103 -2.41 -2.61 -10.24
CA LEU A 103 -1.72 -3.89 -10.03
C LEU A 103 -2.24 -4.57 -8.77
N GLU A 104 -2.79 -5.78 -8.94
CA GLU A 104 -3.42 -6.52 -7.84
C GLU A 104 -2.44 -7.59 -7.40
N ASP A 105 -1.85 -7.43 -6.19
CA ASP A 105 -0.84 -8.33 -5.69
C ASP A 105 0.37 -8.25 -6.62
N THR A 106 0.49 -9.15 -7.63
CA THR A 106 1.65 -9.26 -8.54
C THR A 106 3.00 -9.31 -7.79
N GLY A 107 3.02 -10.05 -6.68
CA GLY A 107 4.20 -10.21 -5.85
C GLY A 107 4.27 -9.25 -4.68
N MET A 108 3.41 -8.26 -4.65
CA MET A 108 3.40 -7.34 -3.53
C MET A 108 2.80 -7.97 -2.27
N GLY A 109 1.88 -8.93 -2.42
CA GLY A 109 1.41 -9.66 -1.25
C GLY A 109 2.56 -10.26 -0.44
N GLU A 110 3.42 -11.05 -1.10
CA GLU A 110 4.50 -11.72 -0.40
C GLU A 110 5.48 -10.71 0.20
N GLN A 111 5.78 -9.65 -0.55
CA GLN A 111 6.65 -8.59 -0.03
C GLN A 111 6.10 -7.95 1.23
N MET A 112 4.80 -7.66 1.27
CA MET A 112 4.23 -7.11 2.49
C MET A 112 4.29 -8.13 3.63
N GLN A 113 4.06 -9.41 3.32
CA GLN A 113 4.20 -10.43 4.35
C GLN A 113 5.63 -10.46 4.92
N GLU A 114 6.64 -10.44 4.05
CA GLU A 114 8.03 -10.46 4.49
C GLU A 114 8.31 -9.32 5.47
N TYR A 115 7.89 -8.13 5.08
CA TYR A 115 8.15 -6.93 5.89
C TYR A 115 7.43 -6.99 7.23
N ALA A 116 6.14 -7.33 7.19
CA ALA A 116 5.35 -7.33 8.41
C ALA A 116 5.75 -8.45 9.36
N VAL A 117 5.97 -9.65 8.85
CA VAL A 117 6.33 -10.72 9.75
C VAL A 117 7.68 -10.41 10.37
N SER A 118 8.64 -9.95 9.57
CA SER A 118 9.96 -9.70 10.14
C SER A 118 9.88 -8.72 11.29
N GLN A 119 9.15 -7.63 11.08
CA GLN A 119 9.16 -6.55 12.06
C GLN A 119 8.23 -6.83 13.24
N VAL A 120 7.10 -7.51 13.00
CA VAL A 120 6.26 -7.90 14.14
C VAL A 120 7.06 -8.80 15.07
N LEU A 121 7.76 -9.80 14.50
CA LEU A 121 8.56 -10.70 15.33
C LEU A 121 9.70 -9.95 16.03
N HIS A 122 10.31 -9.01 15.31
CA HIS A 122 11.38 -8.19 15.87
C HIS A 122 10.93 -7.51 17.16
N TRP A 123 9.75 -6.88 17.11
CA TRP A 123 9.22 -6.23 18.30
C TRP A 123 8.76 -7.23 19.35
N PHE A 124 8.11 -8.32 18.92
CA PHE A 124 7.63 -9.33 19.85
C PHE A 124 8.76 -9.94 20.66
N ARG A 125 9.91 -10.11 20.04
CA ARG A 125 11.09 -10.68 20.67
C ARG A 125 12.01 -9.61 21.30
N ARG A 126 11.58 -8.36 21.31
CA ARG A 126 12.21 -7.27 22.08
C ARG A 126 13.62 -6.97 21.58
N PHE A 127 13.80 -7.18 20.28
CA PHE A 127 15.07 -6.90 19.67
C PHE A 127 15.40 -5.40 19.77
N ASP A 128 14.37 -4.54 19.77
CA ASP A 128 14.61 -3.11 19.95
C ASP A 128 15.16 -2.82 21.37
N ASP A 129 14.62 -3.49 22.40
CA ASP A 129 15.16 -3.33 23.76
C ASP A 129 16.58 -3.90 23.86
N TYR A 130 16.82 -5.08 23.27
CA TYR A 130 18.17 -5.63 23.33
C TYR A 130 19.18 -4.74 22.63
N ARG A 131 18.78 -4.08 21.56
CA ARG A 131 19.69 -3.17 20.86
C ARG A 131 20.07 -1.98 21.75
N ILE A 132 19.08 -1.40 22.45
CA ILE A 132 19.37 -0.32 23.40
C ILE A 132 20.37 -0.80 24.45
N GLN A 133 20.15 -2.00 25.01
CA GLN A 133 21.08 -2.52 26.01
C GLN A 133 22.46 -2.76 25.41
N GLN A 134 22.50 -3.29 24.19
CA GLN A 134 23.78 -3.51 23.54
C GLN A 134 24.57 -2.22 23.39
N ASN A 135 23.90 -1.12 23.08
CA ASN A 135 24.57 0.18 22.91
C ASN A 135 25.39 0.57 24.15
N SER A 136 24.99 0.11 25.34
CA SER A 136 25.72 0.35 26.59
C SER A 136 26.51 -0.85 27.05
N SER A 137 26.73 -1.82 26.17
CA SER A 137 27.38 -3.08 26.51
C SER A 137 26.81 -3.72 27.76
N HIS A 138 25.50 -3.71 27.87
CA HIS A 138 24.80 -4.21 29.05
C HIS A 138 24.08 -5.52 28.74
N TRP A 139 24.43 -6.57 29.47
CA TRP A 139 23.82 -7.90 29.36
C TRP A 139 22.63 -8.01 30.28
N GLN A 140 21.43 -8.19 29.72
CA GLN A 140 20.31 -8.41 30.61
C GLN A 140 19.13 -9.11 29.94
N PRO A 141 18.88 -10.37 30.24
CA PRO A 141 17.68 -11.03 29.71
C PRO A 141 16.43 -10.31 30.16
N LEU A 142 15.47 -10.16 29.25
CA LEU A 142 14.20 -9.49 29.56
C LEU A 142 13.04 -10.47 29.56
N PRO A 143 11.98 -10.18 30.30
CA PRO A 143 10.78 -11.04 30.27
C PRO A 143 10.23 -11.21 28.85
N GLU A 144 9.76 -12.42 28.59
CA GLU A 144 9.08 -12.77 27.36
C GLU A 144 7.76 -12.02 27.22
N TYR A 145 7.46 -11.56 26.03
CA TYR A 145 6.10 -11.11 25.77
C TYR A 145 5.26 -12.34 25.42
N HIS A 146 3.94 -12.22 25.58
CA HIS A 146 3.00 -13.30 25.30
C HIS A 146 2.00 -12.89 24.22
N ARG A 147 1.65 -13.86 23.37
CA ARG A 147 0.77 -13.60 22.26
C ARG A 147 -0.53 -12.97 22.69
N GLU A 148 -1.05 -13.37 23.86
CA GLU A 148 -2.36 -12.88 24.28
C GLU A 148 -2.34 -11.37 24.49
N ASP A 149 -1.16 -10.80 24.72
CA ASP A 149 -1.03 -9.37 24.88
C ASP A 149 -0.61 -8.67 23.58
N PHE A 150 -0.51 -9.42 22.49
CA PHE A 150 0.05 -8.89 21.25
C PHE A 150 -0.92 -9.05 20.09
N THR A 151 -2.17 -8.66 20.31
CA THR A 151 -3.13 -8.57 19.23
C THR A 151 -2.62 -7.63 18.15
N ILE A 152 -2.72 -8.07 16.90
CA ILE A 152 -2.34 -7.29 15.73
C ILE A 152 -3.61 -6.84 15.01
N GLY A 153 -3.72 -5.53 14.79
CA GLY A 153 -4.82 -4.96 14.00
C GLY A 153 -4.33 -4.53 12.62
N ILE A 154 -5.07 -4.93 11.61
CA ILE A 154 -4.77 -4.53 10.24
C ILE A 154 -5.82 -3.52 9.79
N LEU A 155 -5.38 -2.29 9.60
CA LEU A 155 -6.18 -1.18 9.10
C LEU A 155 -6.22 -1.32 7.58
N GLY A 156 -7.37 -1.70 7.03
CA GLY A 156 -7.43 -2.04 5.62
C GLY A 156 -7.40 -3.56 5.46
N ALA A 157 -8.40 -4.18 4.87
CA ALA A 157 -8.49 -5.63 4.84
C ALA A 157 -8.65 -6.11 3.44
N GLY A 158 -7.83 -5.58 2.54
CA GLY A 158 -7.94 -5.85 1.11
C GLY A 158 -6.97 -6.92 0.61
N VAL A 159 -6.52 -6.73 -0.63
CA VAL A 159 -5.58 -7.66 -1.25
C VAL A 159 -4.33 -7.83 -0.36
N LEU A 160 -3.73 -6.71 0.08
CA LEU A 160 -2.50 -6.82 0.88
C LEU A 160 -2.78 -7.08 2.36
N GLY A 161 -3.83 -6.47 2.90
CA GLY A 161 -4.18 -6.73 4.29
C GLY A 161 -4.52 -8.19 4.54
N SER A 162 -5.22 -8.82 3.58
CA SER A 162 -5.55 -10.24 3.77
C SER A 162 -4.30 -11.10 3.79
N LYS A 163 -3.39 -10.85 2.85
CA LYS A 163 -2.12 -11.59 2.84
C LYS A 163 -1.34 -11.42 4.15
N VAL A 164 -1.22 -10.18 4.63
CA VAL A 164 -0.49 -9.98 5.88
C VAL A 164 -1.16 -10.72 7.04
N ALA A 165 -2.48 -10.59 7.15
CA ALA A 165 -3.20 -11.31 8.21
C ALA A 165 -2.93 -12.80 8.13
N GLN A 166 -3.00 -13.35 6.93
CA GLN A 166 -2.78 -14.80 6.79
C GLN A 166 -1.38 -15.20 7.27
N SER A 167 -0.36 -14.43 6.88
CA SER A 167 1.00 -14.81 7.29
C SER A 167 1.17 -14.69 8.80
N LEU A 168 0.52 -13.70 9.42
CA LEU A 168 0.67 -13.56 10.87
C LEU A 168 -0.16 -14.58 11.65
N GLN A 169 -1.25 -15.04 11.07
CA GLN A 169 -2.04 -16.09 11.71
C GLN A 169 -1.24 -17.38 11.88
N THR A 170 -0.37 -17.66 10.92
CA THR A 170 0.61 -18.74 11.04
C THR A 170 1.41 -18.72 12.33
N TRP A 171 1.71 -17.54 12.85
CA TRP A 171 2.52 -17.38 14.06
C TRP A 171 1.66 -17.34 15.32
N ARG A 172 0.34 -17.48 15.17
CA ARG A 172 -0.60 -17.61 16.29
C ARG A 172 -0.82 -16.30 17.03
N PHE A 173 -0.62 -15.17 16.38
CA PHE A 173 -1.00 -13.91 17.01
C PHE A 173 -2.51 -13.74 16.91
N PRO A 174 -3.15 -13.21 17.95
CA PRO A 174 -4.53 -12.76 17.79
C PRO A 174 -4.58 -11.66 16.74
N LEU A 175 -5.63 -11.70 15.92
CA LEU A 175 -5.74 -10.80 14.79
C LEU A 175 -7.12 -10.17 14.66
N ARG A 176 -7.15 -8.91 14.24
CA ARG A 176 -8.37 -8.20 13.90
C ARG A 176 -8.09 -7.30 12.70
N CYS A 177 -9.13 -7.03 11.92
CA CYS A 177 -9.02 -6.18 10.75
C CYS A 177 -10.15 -5.15 10.73
N TRP A 178 -9.91 -4.08 9.97
CA TRP A 178 -10.85 -2.98 9.85
C TRP A 178 -11.02 -2.61 8.38
N SER A 179 -12.26 -2.46 7.96
CA SER A 179 -12.54 -2.15 6.57
C SER A 179 -13.92 -1.49 6.51
N ARG A 180 -14.39 -1.22 5.30
CA ARG A 180 -15.74 -0.67 5.20
C ARG A 180 -16.81 -1.76 5.31
N THR A 181 -16.55 -2.92 4.74
CA THR A 181 -17.52 -4.01 4.76
C THR A 181 -16.94 -5.21 5.50
N ARG A 182 -17.86 -5.98 6.09
CA ARG A 182 -17.52 -7.12 6.94
C ARG A 182 -16.73 -8.17 6.17
N LYS A 183 -15.75 -8.78 6.85
CA LYS A 183 -14.95 -9.88 6.35
C LYS A 183 -15.31 -11.16 7.07
N SER A 184 -15.00 -12.29 6.43
CA SER A 184 -15.35 -13.61 6.90
C SER A 184 -14.14 -14.48 7.29
N TRP A 185 -12.97 -13.89 7.53
CA TRP A 185 -11.78 -14.73 7.67
C TRP A 185 -11.83 -15.46 9.01
N PRO A 186 -11.74 -16.79 9.05
CA PRO A 186 -11.79 -17.48 10.33
C PRO A 186 -10.65 -17.03 11.22
N GLY A 187 -10.96 -16.78 12.48
CA GLY A 187 -9.91 -16.44 13.43
C GLY A 187 -9.46 -14.99 13.36
N VAL A 188 -10.03 -14.19 12.47
CA VAL A 188 -9.72 -12.76 12.40
C VAL A 188 -11.00 -12.00 12.67
N GLN A 189 -11.02 -11.26 13.78
CA GLN A 189 -12.23 -10.50 14.12
C GLN A 189 -12.36 -9.27 13.21
N SER A 190 -13.48 -9.15 12.51
CA SER A 190 -13.69 -8.11 11.50
C SER A 190 -14.48 -6.95 12.08
N PHE A 191 -13.89 -5.76 12.02
CA PHE A 191 -14.55 -4.53 12.39
C PHE A 191 -14.78 -3.71 11.13
N ALA A 192 -15.88 -2.97 11.10
CA ALA A 192 -16.29 -2.30 9.87
C ALA A 192 -16.85 -0.91 10.14
N GLY A 193 -16.31 0.08 9.44
CA GLY A 193 -16.83 1.43 9.49
C GLY A 193 -16.28 2.26 10.64
N ARG A 194 -16.44 3.57 10.50
CA ARG A 194 -15.96 4.48 11.54
C ARG A 194 -16.64 4.24 12.88
N GLU A 195 -17.89 3.78 12.86
CA GLU A 195 -18.61 3.55 14.10
C GLU A 195 -17.99 2.41 14.90
N GLU A 196 -17.18 1.54 14.29
CA GLU A 196 -16.54 0.45 15.01
C GLU A 196 -15.03 0.64 15.18
N LEU A 197 -14.49 1.79 14.76
CA LEU A 197 -13.04 1.96 14.76
C LEU A 197 -12.49 2.06 16.18
N SER A 198 -13.21 2.73 17.09
CA SER A 198 -12.64 2.85 18.44
C SER A 198 -12.57 1.52 19.10
N ALA A 199 -13.58 0.65 18.93
CA ALA A 199 -13.51 -0.68 19.51
C ALA A 199 -12.36 -1.49 18.86
N PHE A 200 -12.23 -1.42 17.54
CA PHE A 200 -11.09 -2.05 16.86
C PHE A 200 -9.76 -1.65 17.48
N LEU A 201 -9.55 -0.34 17.68
CA LEU A 201 -8.24 0.15 18.13
C LEU A 201 -7.91 -0.28 19.54
N SER A 202 -8.93 -0.48 20.38
CA SER A 202 -8.73 -0.67 21.81
C SER A 202 -7.77 -1.81 22.14
N GLN A 203 -7.73 -2.86 21.34
CA GLN A 203 -6.84 -3.99 21.63
C GLN A 203 -5.59 -4.09 20.74
N CYS A 204 -5.31 -3.11 19.86
CA CYS A 204 -4.25 -3.29 18.87
C CYS A 204 -2.89 -2.99 19.50
N ARG A 205 -2.18 -4.04 19.92
CA ARG A 205 -0.79 -3.85 20.36
C ARG A 205 0.11 -3.43 19.19
N VAL A 206 -0.13 -4.01 18.03
CA VAL A 206 0.52 -3.61 16.78
C VAL A 206 -0.56 -3.17 15.80
N LEU A 207 -0.38 -1.99 15.21
CA LEU A 207 -1.31 -1.45 14.21
C LEU A 207 -0.58 -1.41 12.88
N ILE A 208 -1.09 -2.15 11.91
CA ILE A 208 -0.51 -2.22 10.56
C ILE A 208 -1.44 -1.49 9.59
N ASN A 209 -0.93 -0.45 8.93
CA ASN A 209 -1.74 0.34 8.02
C ASN A 209 -1.55 -0.16 6.59
N LEU A 210 -2.65 -0.63 5.99
CA LEU A 210 -2.72 -1.02 4.58
C LEU A 210 -3.99 -0.50 3.92
N LEU A 211 -4.37 0.71 4.25
CA LEU A 211 -5.45 1.45 3.61
C LEU A 211 -5.02 2.10 2.31
N PRO A 212 -5.95 2.34 1.39
CA PRO A 212 -5.66 3.25 0.27
C PRO A 212 -5.81 4.70 0.73
N ASN A 213 -5.15 5.59 0.02
CA ASN A 213 -5.33 7.02 0.23
C ASN A 213 -6.60 7.47 -0.48
N THR A 214 -7.60 7.89 0.29
CA THR A 214 -8.86 8.42 -0.19
C THR A 214 -9.22 9.61 0.70
N PRO A 215 -10.15 10.44 0.25
CA PRO A 215 -10.56 11.57 1.11
C PRO A 215 -11.07 11.11 2.47
N GLU A 216 -11.65 9.93 2.55
CA GLU A 216 -12.22 9.44 3.79
C GLU A 216 -11.17 8.88 4.75
N THR A 217 -9.93 8.65 4.30
CA THR A 217 -8.90 8.10 5.20
C THR A 217 -7.72 9.03 5.45
N VAL A 218 -7.64 10.17 4.76
CA VAL A 218 -6.54 11.10 5.02
C VAL A 218 -6.49 11.46 6.50
N GLY A 219 -5.26 11.45 7.03
CA GLY A 219 -5.08 11.86 8.42
C GLY A 219 -5.70 10.97 9.48
N ILE A 220 -6.06 9.74 9.13
CA ILE A 220 -6.80 8.93 10.10
C ILE A 220 -5.93 8.57 11.30
N ILE A 221 -4.63 8.38 11.11
CA ILE A 221 -3.74 8.05 12.21
C ILE A 221 -3.30 9.38 12.81
N ASN A 222 -4.08 9.86 13.77
CA ASN A 222 -3.86 11.16 14.40
C ASN A 222 -3.90 11.02 15.90
N GLN A 223 -3.88 12.16 16.61
CA GLN A 223 -3.82 12.12 18.07
C GLN A 223 -4.97 11.31 18.67
N GLN A 224 -6.17 11.47 18.12
CA GLN A 224 -7.35 10.81 18.68
C GLN A 224 -7.29 9.31 18.45
N LEU A 225 -6.74 8.87 17.31
CA LEU A 225 -6.59 7.44 17.09
C LEU A 225 -5.52 6.85 18.01
N LEU A 226 -4.36 7.50 18.08
CA LEU A 226 -3.24 6.94 18.82
C LEU A 226 -3.56 6.80 20.31
N GLU A 227 -4.34 7.73 20.87
CA GLU A 227 -4.68 7.68 22.29
C GLU A 227 -5.56 6.47 22.62
N LYS A 228 -6.25 5.89 21.64
CA LYS A 228 -7.09 4.74 21.91
C LYS A 228 -6.34 3.41 21.89
N LEU A 229 -5.14 3.39 21.36
CA LEU A 229 -4.34 2.18 21.37
C LEU A 229 -3.91 1.82 22.78
N PRO A 230 -3.60 0.56 23.02
CA PRO A 230 -2.95 0.20 24.29
C PRO A 230 -1.61 0.89 24.46
N ASP A 231 -1.17 1.01 25.72
CA ASP A 231 0.13 1.58 26.02
C ASP A 231 1.24 0.68 25.47
N GLY A 232 2.31 1.28 24.98
CA GLY A 232 3.41 0.51 24.43
C GLY A 232 3.08 -0.14 23.09
N ALA A 233 2.26 0.51 22.28
CA ALA A 233 1.87 0.00 20.99
C ALA A 233 2.97 0.22 19.94
N TYR A 234 2.81 -0.46 18.82
CA TYR A 234 3.72 -0.32 17.69
C TYR A 234 2.93 0.03 16.45
N LEU A 235 3.50 0.89 15.60
CA LEU A 235 2.89 1.28 14.34
C LEU A 235 3.76 0.83 13.16
N LEU A 236 3.14 0.18 12.19
CA LEU A 236 3.76 -0.18 10.94
C LEU A 236 2.95 0.47 9.81
N ASN A 237 3.53 1.52 9.20
CA ASN A 237 2.80 2.25 8.17
C ASN A 237 3.36 1.80 6.84
N LEU A 238 2.59 0.94 6.16
CA LEU A 238 2.99 0.39 4.88
C LEU A 238 2.18 0.94 3.70
N ALA A 239 1.31 1.91 3.93
CA ALA A 239 0.29 2.26 2.95
C ALA A 239 0.62 3.60 2.30
N ARG A 240 0.17 4.72 2.86
CA ARG A 240 0.49 6.04 2.34
C ARG A 240 0.85 6.99 3.49
N GLY A 241 1.74 7.94 3.21
CA GLY A 241 2.15 8.88 4.26
C GLY A 241 1.04 9.77 4.78
N VAL A 242 0.09 10.13 3.91
CA VAL A 242 -0.98 11.05 4.26
C VAL A 242 -1.91 10.47 5.31
N HIS A 243 -1.83 9.16 5.56
CA HIS A 243 -2.63 8.56 6.63
C HIS A 243 -2.17 8.97 8.02
N VAL A 244 -0.92 9.39 8.16
CA VAL A 244 -0.32 9.65 9.46
C VAL A 244 -0.07 11.16 9.63
N VAL A 245 -0.55 11.72 10.74
CA VAL A 245 -0.21 13.09 11.13
C VAL A 245 1.11 13.01 11.89
N GLU A 246 2.20 13.37 11.21
CA GLU A 246 3.54 13.05 11.69
C GLU A 246 3.83 13.69 13.05
N ASP A 247 3.32 14.91 13.28
CA ASP A 247 3.55 15.54 14.58
C ASP A 247 2.79 14.85 15.70
N ASP A 248 1.61 14.29 15.40
CA ASP A 248 0.87 13.51 16.43
C ASP A 248 1.61 12.20 16.76
N LEU A 249 2.19 11.56 15.75
CA LEU A 249 2.98 10.36 15.99
C LEU A 249 4.18 10.68 16.87
N LEU A 250 4.93 11.73 16.52
CA LEU A 250 6.09 12.12 17.32
C LEU A 250 5.70 12.37 18.77
N ALA A 251 4.53 12.99 19.01
CA ALA A 251 4.10 13.26 20.38
C ALA A 251 3.81 11.95 21.10
N ALA A 252 3.18 10.98 20.41
CA ALA A 252 2.92 9.69 21.02
C ALA A 252 4.20 8.89 21.25
N LEU A 253 5.17 9.00 20.35
CA LEU A 253 6.46 8.37 20.62
C LEU A 253 7.14 9.00 21.82
N ASP A 254 7.12 10.33 21.92
CA ASP A 254 7.80 11.04 23.00
C ASP A 254 7.15 10.76 24.36
N SER A 255 5.84 10.53 24.40
CA SER A 255 5.15 10.25 25.66
C SER A 255 5.24 8.80 26.10
N GLY A 256 5.72 7.90 25.24
CA GLY A 256 5.66 6.48 25.57
C GLY A 256 4.38 5.75 25.20
N LYS A 257 3.37 6.44 24.64
CA LYS A 257 2.21 5.71 24.13
C LYS A 257 2.63 4.67 23.08
N VAL A 258 3.44 5.08 22.11
CA VAL A 258 3.91 4.20 21.04
C VAL A 258 5.37 3.85 21.33
N LYS A 259 5.65 2.56 21.43
CA LYS A 259 7.00 2.08 21.73
C LYS A 259 7.91 2.07 20.51
N GLY A 260 7.34 1.90 19.33
CA GLY A 260 8.14 1.88 18.12
C GLY A 260 7.27 2.09 16.91
N ALA A 261 7.86 2.70 15.89
CA ALA A 261 7.17 2.91 14.61
C ALA A 261 8.11 2.62 13.46
N MET A 262 7.65 1.82 12.52
CA MET A 262 8.39 1.57 11.30
C MET A 262 7.54 2.08 10.14
N LEU A 263 8.14 2.95 9.34
CA LEU A 263 7.41 3.75 8.39
C LEU A 263 8.09 3.62 7.05
N ASP A 264 7.31 3.26 6.02
CA ASP A 264 7.83 3.13 4.68
C ASP A 264 7.37 4.23 3.74
N VAL A 265 6.44 5.08 4.18
CA VAL A 265 5.80 6.08 3.35
C VAL A 265 5.56 7.34 4.18
N PHE A 266 5.52 8.48 3.49
CA PHE A 266 5.51 9.78 4.18
C PHE A 266 4.71 10.82 3.41
N ASN A 267 4.33 11.89 4.10
CA ASN A 267 3.53 12.95 3.47
C ASN A 267 4.30 13.56 2.32
N ARG A 268 5.61 13.67 2.45
CA ARG A 268 6.50 14.15 1.39
C ARG A 268 7.59 13.10 1.20
N GLU A 269 7.84 12.73 -0.04
CA GLU A 269 8.84 11.73 -0.37
C GLU A 269 9.71 12.30 -1.48
N PRO A 270 11.05 12.19 -1.40
CA PRO A 270 11.83 11.71 -0.25
C PRO A 270 11.50 12.49 1.01
N LEU A 271 11.57 11.84 2.16
CA LEU A 271 11.29 12.49 3.43
C LEU A 271 12.34 13.57 3.64
N PRO A 272 11.96 14.84 3.78
CA PRO A 272 12.96 15.91 3.86
C PRO A 272 13.89 15.71 5.06
N PRO A 273 15.13 16.14 4.93
CA PRO A 273 16.09 15.92 6.03
C PRO A 273 15.78 16.67 7.32
N GLU A 274 14.95 17.69 7.29
CA GLU A 274 14.58 18.40 8.50
C GLU A 274 13.54 17.65 9.33
N SER A 275 12.93 16.60 8.79
CA SER A 275 11.91 15.89 9.56
C SER A 275 12.54 15.30 10.83
N PRO A 276 11.93 15.50 12.00
CA PRO A 276 12.41 14.83 13.22
C PRO A 276 12.32 13.29 13.14
N LEU A 277 11.60 12.72 12.18
CA LEU A 277 11.48 11.26 12.16
C LEU A 277 12.82 10.60 11.91
N TRP A 278 13.69 11.21 11.11
CA TRP A 278 14.91 10.53 10.70
C TRP A 278 15.74 10.10 11.92
N GLN A 279 15.92 11.01 12.86
CA GLN A 279 16.83 10.77 13.97
C GLN A 279 16.09 10.39 15.24
N HIS A 280 14.78 10.23 15.19
CA HIS A 280 14.07 9.88 16.42
C HIS A 280 14.39 8.46 16.85
N PRO A 281 14.68 8.23 18.13
CA PRO A 281 15.22 6.92 18.55
C PRO A 281 14.32 5.72 18.30
N ARG A 282 13.01 5.87 18.38
CA ARG A 282 12.13 4.70 18.23
C ARG A 282 11.49 4.59 16.84
N VAL A 283 12.06 5.27 15.85
CA VAL A 283 11.55 5.25 14.49
C VAL A 283 12.53 4.53 13.58
N THR A 284 11.97 3.68 12.72
CA THR A 284 12.70 3.02 11.64
C THR A 284 12.08 3.43 10.31
N ILE A 285 12.93 3.88 9.37
CA ILE A 285 12.51 4.44 8.08
C ILE A 285 13.01 3.58 6.91
N THR A 286 12.08 3.24 6.01
CA THR A 286 12.45 2.64 4.73
C THR A 286 11.87 3.53 3.63
N PRO A 287 12.56 3.64 2.48
CA PRO A 287 12.19 4.69 1.47
C PRO A 287 11.19 4.21 0.40
N HIS A 288 9.97 3.88 0.87
CA HIS A 288 8.87 3.43 0.01
C HIS A 288 9.33 2.24 -0.79
N VAL A 289 9.85 1.22 -0.09
CA VAL A 289 10.24 -0.03 -0.71
C VAL A 289 9.52 -1.25 -0.14
N ALA A 290 8.40 -1.07 0.56
CA ALA A 290 7.82 -2.21 1.26
C ALA A 290 7.42 -3.31 0.27
N ALA A 291 6.82 -2.92 -0.85
CA ALA A 291 6.43 -3.90 -1.86
C ALA A 291 6.56 -3.21 -3.21
N ILE A 292 7.63 -3.49 -3.90
CA ILE A 292 7.91 -2.74 -5.10
C ILE A 292 7.23 -3.41 -6.28
N THR A 293 7.02 -2.61 -7.31
CA THR A 293 6.50 -3.08 -8.59
C THR A 293 7.60 -3.81 -9.35
N ARG A 294 7.43 -5.11 -9.52
CA ARG A 294 8.33 -5.98 -10.29
C ARG A 294 7.90 -6.07 -11.75
N PRO A 295 8.73 -5.64 -12.71
CA PRO A 295 8.20 -5.51 -14.08
C PRO A 295 7.67 -6.79 -14.66
N ALA A 296 8.37 -7.91 -14.49
CA ALA A 296 7.92 -9.15 -15.13
C ALA A 296 6.58 -9.60 -14.62
N GLU A 297 6.35 -9.44 -13.31
CA GLU A 297 5.07 -9.83 -12.74
C GLU A 297 3.96 -8.89 -13.21
N ALA A 298 4.25 -7.59 -13.28
CA ALA A 298 3.27 -6.64 -13.80
C ALA A 298 2.89 -6.98 -15.24
N VAL A 299 3.87 -7.33 -16.07
CA VAL A 299 3.57 -7.67 -17.47
C VAL A 299 2.67 -8.90 -17.56
N GLU A 300 2.92 -9.90 -16.74
CA GLU A 300 2.07 -11.09 -16.70
C GLU A 300 0.65 -10.78 -16.24
N TYR A 301 0.50 -9.98 -15.19
CA TYR A 301 -0.86 -9.62 -14.76
C TYR A 301 -1.61 -8.86 -15.86
N ILE A 302 -0.94 -7.87 -16.47
CA ILE A 302 -1.61 -7.05 -17.47
C ILE A 302 -2.00 -7.87 -18.69
N SER A 303 -1.10 -8.72 -19.18
CA SER A 303 -1.43 -9.55 -20.33
C SER A 303 -2.56 -10.53 -20.01
N ARG A 304 -2.56 -11.10 -18.82
CA ARG A 304 -3.67 -11.99 -18.43
C ARG A 304 -4.99 -11.22 -18.33
N THR A 305 -4.95 -10.01 -17.78
CA THR A 305 -6.18 -9.23 -17.64
C THR A 305 -6.74 -8.83 -19.00
N ILE A 306 -5.87 -8.40 -19.91
CA ILE A 306 -6.33 -8.06 -21.24
C ILE A 306 -7.01 -9.26 -21.90
N ALA A 307 -6.41 -10.45 -21.74
CA ALA A 307 -7.02 -11.67 -22.30
C ALA A 307 -8.39 -11.95 -21.69
N GLN A 308 -8.52 -11.77 -20.38
CA GLN A 308 -9.81 -11.98 -19.73
C GLN A 308 -10.85 -10.99 -20.22
N LEU A 309 -10.45 -9.72 -20.35
CA LEU A 309 -11.35 -8.70 -20.89
C LEU A 309 -11.81 -9.09 -22.30
N GLU A 310 -10.90 -9.61 -23.12
CA GLU A 310 -11.29 -10.02 -24.47
C GLU A 310 -12.27 -11.19 -24.47
N LYS A 311 -12.17 -12.08 -23.52
CA LYS A 311 -13.03 -13.25 -23.45
C LYS A 311 -14.31 -12.99 -22.68
N GLY A 312 -14.49 -11.79 -22.16
CA GLY A 312 -15.68 -11.50 -21.37
C GLY A 312 -15.73 -12.21 -20.05
N GLU A 313 -14.57 -12.56 -19.50
CA GLU A 313 -14.46 -13.14 -18.17
C GLU A 313 -14.41 -12.03 -17.10
N LYS A 314 -14.79 -12.39 -15.87
CA LYS A 314 -14.79 -11.43 -14.77
C LYS A 314 -13.39 -11.03 -14.37
N VAL A 315 -13.17 -9.74 -14.16
CA VAL A 315 -11.86 -9.21 -13.78
C VAL A 315 -11.98 -8.65 -12.35
N CYS A 316 -10.93 -8.86 -11.56
CA CYS A 316 -10.95 -8.41 -10.15
C CYS A 316 -10.49 -6.94 -10.03
N GLY A 317 -9.23 -6.67 -10.40
CA GLY A 317 -8.57 -5.43 -10.02
C GLY A 317 -8.94 -4.06 -10.60
N GLN A 318 -10.24 -3.86 -10.82
CA GLN A 318 -10.76 -2.61 -11.39
C GLN A 318 -11.02 -1.55 -10.33
N VAL A 319 -10.63 -0.32 -10.59
CA VAL A 319 -10.81 0.76 -9.65
C VAL A 319 -12.23 1.28 -9.79
N ASP A 320 -12.90 1.55 -8.66
CA ASP A 320 -14.22 2.17 -8.62
C ASP A 320 -13.99 3.65 -8.39
N ARG A 321 -14.13 4.46 -9.44
CA ARG A 321 -13.78 5.87 -9.34
C ARG A 321 -14.72 6.63 -8.42
N ALA A 322 -15.97 6.20 -8.30
CA ALA A 322 -16.89 6.85 -7.38
C ALA A 322 -16.49 6.61 -5.93
N ARG A 323 -16.11 5.38 -5.60
CA ARG A 323 -15.67 5.04 -4.26
C ARG A 323 -14.28 5.61 -3.95
N GLY A 324 -13.42 5.73 -4.96
CA GLY A 324 -12.10 6.30 -4.78
C GLY A 324 -10.95 5.31 -4.61
N TYR A 325 -11.20 4.01 -4.79
CA TYR A 325 -10.13 3.01 -4.74
C TYR A 325 -10.56 1.73 -5.43
C1 GOL B . 3.74 -16.26 4.03
O1 GOL B . 3.69 -16.76 5.37
C2 GOL B . 4.97 -16.86 3.40
O2 GOL B . 4.85 -18.30 3.29
C3 GOL B . 5.11 -16.20 2.06
O3 GOL B . 6.22 -16.85 1.35
H11 GOL B . 3.79 -15.29 3.99
H12 GOL B . 2.96 -16.51 3.52
HO1 GOL B . 3.93 -17.56 5.35
H2 GOL B . 5.75 -16.68 3.96
HO2 GOL B . 5.11 -18.51 2.51
H31 GOL B . 5.25 -15.25 2.20
H32 GOL B . 4.27 -16.27 1.59
HO3 GOL B . 6.32 -16.43 0.62
PA NAP C . -7.39 -2.93 -1.65
O1A NAP C . -7.31 -4.38 -1.98
O2A NAP C . -8.21 -1.93 -2.39
O5B NAP C . -7.71 -2.83 -0.10
C5B NAP C . -8.20 -1.61 0.46
C4B NAP C . -8.83 -1.93 1.78
O4B NAP C . -8.95 -0.71 2.53
C3B NAP C . -10.24 -2.54 1.76
O3B NAP C . -10.25 -3.56 2.78
C2B NAP C . -11.18 -1.39 2.09
O2B NAP C . -12.40 -1.92 2.59
C1B NAP C . -10.27 -0.55 3.05
N9A NAP C . -10.82 0.79 3.05
C8A NAP C . -10.86 1.68 2.03
N7A NAP C . -11.47 2.81 2.42
C5A NAP C . -11.86 2.59 3.70
C6A NAP C . -12.62 3.34 4.70
N6A NAP C . -13.06 4.58 4.40
N1A NAP C . -12.80 2.79 5.90
C2A NAP C . -12.38 1.55 6.18
N3A NAP C . -11.67 0.80 5.32
C4A NAP C . -11.41 1.29 4.10
O3 NAP C . -5.88 -2.33 -1.68
PN NAP C . -4.52 -3.17 -1.54
O1N NAP C . -4.15 -3.73 -2.88
O2N NAP C . -4.61 -4.02 -0.31
O5D NAP C . -3.48 -1.96 -1.33
C5D NAP C . -3.63 -1.12 -0.21
C4D NAP C . -2.72 0.11 -0.34
O4D NAP C . -1.37 -0.29 0.05
C3D NAP C . -2.62 0.81 -1.71
O3D NAP C . -3.80 1.59 -1.90
C2D NAP C . -1.29 1.52 -1.56
O2D NAP C . -1.55 2.83 -1.08
C1D NAP C . -0.49 0.71 -0.49
N1N NAP C . 0.72 0.11 -1.03
C2N NAP C . 1.93 0.50 -0.52
C3N NAP C . 3.11 -0.03 -1.02
C7N NAP C . 4.43 0.41 -0.45
O7N NAP C . 4.55 0.97 0.68
N7N NAP C . 5.48 0.00 -1.07
C4N NAP C . 3.05 -0.99 -2.05
C5N NAP C . 1.78 -1.43 -2.48
C6N NAP C . 0.63 -0.87 -1.96
P2B NAP C . -13.32 -2.94 1.76
O1X NAP C . -12.57 -4.25 1.82
O2X NAP C . -14.54 -2.88 2.62
O3X NAP C . -13.48 -2.29 0.42
H51A NAP C . -7.38 -0.91 0.60
H52A NAP C . -8.93 -1.16 -0.21
H4B NAP C . -8.18 -2.70 2.22
H3B NAP C . -10.56 -2.99 0.81
HO3A NAP C . -10.20 -4.43 2.35
H2B NAP C . -11.54 -0.75 1.29
H1B NAP C . -10.25 -0.87 4.10
H8A NAP C . -10.46 1.50 1.05
H61A NAP C . -13.56 5.13 5.08
H62A NAP C . -12.87 4.97 3.50
H2A NAP C . -12.61 1.14 7.16
H51N NAP C . -3.36 -1.68 0.70
H52N NAP C . -4.67 -0.81 -0.11
H4D NAP C . -3.20 0.86 0.32
H3D NAP C . -2.63 0.19 -2.63
HO3N NAP C . -3.67 2.21 -2.64
H2D NAP C . -0.73 1.59 -2.50
HO2N NAP C . -1.70 3.43 -1.82
H1D NAP C . -0.15 1.40 0.31
H2N NAP C . 1.96 1.21 0.29
H71N NAP C . 5.49 -0.51 -1.94
H72N NAP C . 6.39 0.25 -0.69
H4N NAP C . 3.95 -1.38 -2.49
H5N NAP C . 1.72 -2.22 -3.22
H6N NAP C . -0.34 -1.19 -2.30
P PO4 D . 2.53 1.81 -5.03
O1 PO4 D . 3.45 2.58 -5.96
O2 PO4 D . 3.03 2.07 -3.64
O3 PO4 D . 1.13 2.26 -5.16
O4 PO4 D . 2.56 0.32 -5.46
P PO4 E . -16.06 4.24 6.77
O1 PO4 E . -15.45 5.45 6.10
O2 PO4 E . -17.05 4.64 7.88
O3 PO4 E . -16.79 3.35 5.76
O4 PO4 E . -14.88 3.49 7.40
P PO4 F . 3.20 -17.46 24.07
O1 PO4 F . 3.13 -16.32 23.08
O2 PO4 F . 2.41 -17.06 25.31
O3 PO4 F . 4.67 -17.70 24.41
O4 PO4 F . 2.62 -18.75 23.48
#